data_7OKH
#
_entry.id   7OKH
#
_cell.length_a   67.579
_cell.length_b   67.579
_cell.length_c   165.614
_cell.angle_alpha   90.000
_cell.angle_beta   90.000
_cell.angle_gamma   120.000
#
_symmetry.space_group_name_H-M   'P 61 2 2'
#
loop_
_entity.id
_entity.type
_entity.pdbx_description
1 polymer 'B-cell lymphoma 6 protein'
2 polymer ALA-TRP-VAL-ILE-PRO-ALA
3 non-polymer 2-chloranyl-4-[[4-(ethylamino)-2-oxidanylidene-1H-quinolin-6-yl]amino]pyridine-3-carbonitrile
4 non-polymer 1,2-ETHANEDIOL
5 non-polymer 'CHLORIDE ION'
6 water water
#
loop_
_entity_poly.entity_id
_entity_poly.type
_entity_poly.pdbx_seq_one_letter_code
_entity_poly.pdbx_strand_id
1 'polypeptide(L)'
;GPGADSCIQFTRHASDVLLNLNRLRSRDILTDVVIVVSREQFRAHKTVLMACSGLFYSIFTDQLKCNLSVINLDPEINPE
GFCILLDFMYTSRLNLREGNIMAVMATAMYLQMEHVVDTCRKFIKASE
;
A
2 'polypeptide(L)' AWVIPA B
#
loop_
_chem_comp.id
_chem_comp.type
_chem_comp.name
_chem_comp.formula
CL non-polymer 'CHLORIDE ION' 'Cl -1'
EDO non-polymer 1,2-ETHANEDIOL 'C2 H6 O2'
VHK non-polymer 2-chloranyl-4-[[4-(ethylamino)-2-oxidanylidene-1H-quinolin-6-yl]amino]pyridine-3-carbonitrile 'C17 H14 Cl N5 O'
#
# COMPACT_ATOMS: atom_id res chain seq x y z
C ASP A 5 -15.95 -19.11 -19.39
N SER A 6 -17.11 -19.67 -19.02
CA SER A 6 -18.42 -19.09 -19.37
C SER A 6 -18.86 -17.93 -18.44
N CYS A 7 -17.97 -17.48 -17.53
CA CYS A 7 -18.24 -16.41 -16.57
CA CYS A 7 -18.27 -16.42 -16.58
C CYS A 7 -18.54 -15.05 -17.23
N ILE A 8 -19.27 -14.18 -16.51
CA ILE A 8 -19.50 -12.77 -16.85
C ILE A 8 -18.66 -12.04 -15.79
N GLN A 9 -18.28 -10.79 -16.02
CA GLN A 9 -17.40 -10.07 -15.10
C GLN A 9 -17.98 -8.70 -14.78
N PHE A 10 -18.00 -8.31 -13.50
N PHE A 10 -17.78 -8.27 -13.54
CA PHE A 10 -18.52 -6.98 -13.12
CA PHE A 10 -18.22 -6.97 -13.03
C PHE A 10 -17.31 -6.07 -13.08
C PHE A 10 -17.02 -6.04 -13.00
N THR A 11 -17.22 -5.18 -14.07
N THR A 11 -16.97 -5.16 -13.99
CA THR A 11 -16.06 -4.30 -14.25
CA THR A 11 -15.86 -4.22 -14.24
C THR A 11 -15.57 -3.57 -12.97
C THR A 11 -15.50 -3.34 -13.05
N ARG A 12 -16.49 -2.96 -12.21
CA ARG A 12 -16.21 -2.11 -11.05
C ARG A 12 -15.94 -2.90 -9.76
N HIS A 13 -16.09 -4.24 -9.79
CA HIS A 13 -16.00 -5.01 -8.54
C HIS A 13 -14.69 -4.78 -7.78
N ALA A 14 -13.53 -4.93 -8.46
CA ALA A 14 -12.24 -4.83 -7.76
C ALA A 14 -12.07 -3.44 -7.13
N SER A 15 -12.42 -2.37 -7.85
N SER A 15 -12.45 -2.39 -7.86
N SER A 15 -12.43 -2.38 -7.86
CA SER A 15 -12.28 -1.02 -7.28
CA SER A 15 -12.35 -1.00 -7.39
CA SER A 15 -12.32 -1.02 -7.35
C SER A 15 -13.25 -0.82 -6.11
C SER A 15 -13.27 -0.77 -6.18
C SER A 15 -13.26 -0.82 -6.14
N ASP A 16 -14.47 -1.40 -6.21
CA ASP A 16 -15.45 -1.29 -5.11
C ASP A 16 -14.95 -2.05 -3.88
N VAL A 17 -14.30 -3.22 -4.09
CA VAL A 17 -13.74 -3.95 -2.93
C VAL A 17 -12.66 -3.09 -2.26
N LEU A 18 -11.75 -2.52 -3.06
CA LEU A 18 -10.67 -1.72 -2.48
C LEU A 18 -11.24 -0.50 -1.74
N LEU A 19 -12.28 0.15 -2.30
CA LEU A 19 -12.91 1.30 -1.66
C LEU A 19 -13.44 0.88 -0.27
N ASN A 20 -14.08 -0.31 -0.20
CA ASN A 20 -14.58 -0.79 1.08
C ASN A 20 -13.46 -1.16 2.04
N LEU A 21 -12.36 -1.76 1.53
CA LEU A 21 -11.22 -2.06 2.42
C LEU A 21 -10.66 -0.76 3.01
N ASN A 22 -10.59 0.32 2.18
CA ASN A 22 -10.08 1.60 2.70
C ASN A 22 -11.06 2.17 3.75
N ARG A 23 -12.39 1.98 3.55
CA ARG A 23 -13.37 2.44 4.54
C ARG A 23 -13.17 1.69 5.87
N LEU A 24 -12.93 0.36 5.80
CA LEU A 24 -12.64 -0.39 7.03
C LEU A 24 -11.37 0.17 7.69
N ARG A 25 -10.32 0.44 6.88
CA ARG A 25 -9.11 1.02 7.46
C ARG A 25 -9.39 2.38 8.16
N SER A 26 -10.11 3.29 7.48
N SER A 26 -10.19 3.25 7.50
N SER A 26 -10.15 3.28 7.51
CA SER A 26 -10.42 4.63 8.02
CA SER A 26 -10.57 4.58 8.03
CA SER A 26 -10.46 4.62 8.06
C SER A 26 -11.19 4.61 9.35
C SER A 26 -11.34 4.48 9.34
C SER A 26 -11.01 4.57 9.48
N ARG A 27 -11.99 3.55 9.58
N ARG A 27 -12.12 3.39 9.49
CA ARG A 27 -12.77 3.39 10.80
CA ARG A 27 -12.95 3.15 10.67
C ARG A 27 -12.11 2.44 11.79
C ARG A 27 -12.25 2.21 11.68
N ASP A 28 -10.97 1.86 11.38
CA ASP A 28 -10.13 0.95 12.19
C ASP A 28 -10.85 -0.39 12.45
N ILE A 29 -11.56 -0.90 11.43
CA ILE A 29 -12.32 -2.13 11.56
C ILE A 29 -11.47 -3.30 11.08
N LEU A 30 -11.26 -4.28 11.98
N LEU A 30 -11.27 -4.31 11.95
CA LEU A 30 -10.52 -5.52 11.76
CA LEU A 30 -10.54 -5.54 11.64
C LEU A 30 -9.06 -5.31 11.28
C LEU A 30 -9.05 -5.31 11.25
N THR A 31 -8.50 -4.14 11.58
CA THR A 31 -7.06 -3.90 11.35
C THR A 31 -6.33 -4.83 12.32
N ASP A 32 -5.25 -5.46 11.85
CA ASP A 32 -4.58 -6.50 12.65
C ASP A 32 -3.08 -6.33 12.76
N VAL A 33 -2.57 -5.15 12.38
CA VAL A 33 -1.14 -4.89 12.51
C VAL A 33 -0.93 -3.39 12.62
N VAL A 34 0.13 -3.01 13.35
CA VAL A 34 0.56 -1.64 13.43
C VAL A 34 1.96 -1.63 12.80
N ILE A 35 2.17 -0.76 11.82
CA ILE A 35 3.47 -0.59 11.18
C ILE A 35 4.06 0.66 11.85
N VAL A 36 5.27 0.52 12.42
CA VAL A 36 5.94 1.61 13.12
C VAL A 36 7.07 2.12 12.23
N VAL A 37 7.07 3.45 11.95
CA VAL A 37 8.05 4.08 11.07
C VAL A 37 8.59 5.27 11.88
N SER A 38 9.68 5.04 12.59
N SER A 38 9.75 5.12 12.50
CA SER A 38 10.24 6.03 13.48
CA SER A 38 10.37 6.21 13.25
C SER A 38 9.20 6.35 14.55
C SER A 38 9.42 6.78 14.26
N ARG A 39 8.87 7.62 14.73
N ARG A 39 8.75 5.88 14.97
CA ARG A 39 7.88 7.93 15.77
CA ARG A 39 7.78 6.16 16.03
C ARG A 39 6.41 7.63 15.41
C ARG A 39 6.38 6.63 15.57
N GLU A 40 6.15 7.34 14.14
N GLU A 40 6.18 6.81 14.26
CA GLU A 40 4.78 7.16 13.65
CA GLU A 40 4.85 7.11 13.74
C GLU A 40 4.24 5.74 13.55
C GLU A 40 4.23 5.72 13.59
N GLN A 41 2.94 5.60 13.85
CA GLN A 41 2.28 4.30 13.81
C GLN A 41 1.18 4.32 12.78
N PHE A 42 1.05 3.24 12.01
CA PHE A 42 0.02 3.15 10.96
C PHE A 42 -0.70 1.83 11.12
N ARG A 43 -2.03 1.85 11.30
CA ARG A 43 -2.79 0.62 11.44
C ARG A 43 -3.20 0.15 10.06
N ALA A 44 -3.19 -1.17 9.85
CA ALA A 44 -3.53 -1.68 8.53
C ALA A 44 -4.02 -3.12 8.63
N HIS A 45 -4.37 -3.70 7.46
CA HIS A 45 -4.77 -5.10 7.35
C HIS A 45 -3.58 -5.84 6.72
N LYS A 46 -3.09 -6.88 7.40
CA LYS A 46 -1.96 -7.66 6.87
C LYS A 46 -2.22 -8.13 5.42
N THR A 47 -3.44 -8.60 5.13
CA THR A 47 -3.71 -9.10 3.78
C THR A 47 -3.56 -8.05 2.71
N VAL A 48 -3.97 -6.79 3.00
CA VAL A 48 -3.82 -5.74 1.98
C VAL A 48 -2.32 -5.44 1.78
N LEU A 49 -1.59 -5.32 2.91
CA LEU A 49 -0.14 -5.04 2.80
C LEU A 49 0.54 -6.11 1.94
N MET A 50 0.26 -7.41 2.21
CA MET A 50 0.85 -8.54 1.47
C MET A 50 0.47 -8.45 0.01
N ALA A 51 -0.78 -8.06 -0.27
CA ALA A 51 -1.27 -8.03 -1.65
C ALA A 51 -0.59 -6.93 -2.48
N CYS A 52 0.01 -5.94 -1.79
CA CYS A 52 0.60 -4.75 -2.44
C CYS A 52 2.12 -4.65 -2.43
N SER A 53 2.78 -5.43 -1.55
CA SER A 53 4.19 -5.22 -1.29
C SER A 53 4.96 -6.54 -1.18
N GLY A 54 6.06 -6.66 -1.93
CA GLY A 54 6.91 -7.84 -1.84
C GLY A 54 7.49 -8.00 -0.44
N LEU A 55 7.83 -6.88 0.24
CA LEU A 55 8.38 -6.98 1.59
C LEU A 55 7.32 -7.52 2.56
N PHE A 56 6.10 -6.95 2.54
CA PHE A 56 5.07 -7.44 3.47
C PHE A 56 4.64 -8.86 3.14
N TYR A 57 4.67 -9.22 1.84
CA TYR A 57 4.34 -10.61 1.47
C TYR A 57 5.35 -11.55 2.15
N SER A 58 6.65 -11.21 2.10
N SER A 58 6.66 -11.18 2.11
CA SER A 58 7.66 -12.05 2.72
CA SER A 58 7.75 -11.95 2.70
C SER A 58 7.48 -12.09 4.24
C SER A 58 7.67 -12.02 4.23
N ILE A 59 7.24 -10.92 4.86
CA ILE A 59 7.09 -10.84 6.32
C ILE A 59 5.92 -11.67 6.80
N PHE A 60 4.72 -11.49 6.19
CA PHE A 60 3.55 -12.16 6.76
C PHE A 60 3.38 -13.62 6.31
N THR A 61 4.27 -14.13 5.42
CA THR A 61 4.22 -15.56 5.09
C THR A 61 5.29 -16.31 5.93
N ASP A 62 6.09 -15.54 6.72
CA ASP A 62 7.07 -16.17 7.61
C ASP A 62 6.30 -16.76 8.81
N GLN A 63 6.64 -18.01 9.20
CA GLN A 63 5.93 -18.74 10.25
C GLN A 63 5.96 -18.06 11.63
N LEU A 64 6.99 -17.24 11.92
CA LEU A 64 7.03 -16.49 13.17
C LEU A 64 6.45 -15.09 13.01
N LYS A 65 6.86 -14.35 11.95
CA LYS A 65 6.44 -12.97 11.78
C LYS A 65 4.95 -12.81 11.46
N CYS A 66 4.32 -13.84 10.88
CA CYS A 66 2.88 -13.78 10.55
C CYS A 66 2.01 -13.49 11.78
N ASN A 67 2.52 -13.85 12.98
CA ASN A 67 1.78 -13.68 14.24
C ASN A 67 2.05 -12.36 14.97
N LEU A 68 3.00 -11.56 14.46
CA LEU A 68 3.30 -10.29 15.12
C LEU A 68 2.19 -9.26 14.89
N SER A 69 1.90 -8.44 15.93
CA SER A 69 0.88 -7.39 15.86
CA SER A 69 0.87 -7.40 15.83
C SER A 69 1.53 -6.05 15.57
N VAL A 70 2.86 -5.98 15.66
CA VAL A 70 3.63 -4.75 15.44
C VAL A 70 4.85 -5.09 14.57
N ILE A 71 5.09 -4.28 13.51
CA ILE A 71 6.25 -4.46 12.64
C ILE A 71 6.99 -3.13 12.62
N ASN A 72 8.29 -3.15 12.97
CA ASN A 72 9.09 -1.93 12.95
C ASN A 72 9.89 -1.86 11.66
N LEU A 73 9.71 -0.79 10.89
CA LEU A 73 10.49 -0.62 9.66
C LEU A 73 11.86 -0.04 9.95
N ASP A 74 12.76 -0.17 8.97
CA ASP A 74 14.13 0.37 9.05
C ASP A 74 14.07 1.86 9.45
N PRO A 75 14.94 2.35 10.39
CA PRO A 75 14.88 3.78 10.79
C PRO A 75 15.13 4.80 9.68
N GLU A 76 15.70 4.38 8.54
N GLU A 76 15.69 4.36 8.54
CA GLU A 76 15.94 5.30 7.42
CA GLU A 76 15.95 5.24 7.40
C GLU A 76 14.65 5.56 6.62
C GLU A 76 14.66 5.56 6.62
N ILE A 77 13.57 4.78 6.86
CA ILE A 77 12.31 4.99 6.14
C ILE A 77 11.60 6.23 6.63
N ASN A 78 11.21 7.06 5.66
CA ASN A 78 10.50 8.31 5.89
C ASN A 78 9.00 8.04 6.18
N PRO A 79 8.46 8.50 7.35
CA PRO A 79 7.04 8.25 7.64
C PRO A 79 6.07 8.83 6.60
N GLU A 80 6.36 10.04 6.03
CA GLU A 80 5.46 10.61 5.02
C GLU A 80 5.44 9.72 3.76
N GLY A 81 6.64 9.27 3.34
CA GLY A 81 6.78 8.37 2.19
C GLY A 81 5.96 7.11 2.43
N PHE A 82 6.08 6.53 3.64
CA PHE A 82 5.29 5.33 3.95
C PHE A 82 3.78 5.65 3.91
N CYS A 83 3.38 6.77 4.50
CA CYS A 83 1.96 7.17 4.53
C CYS A 83 1.39 7.27 3.10
N ILE A 84 2.15 7.93 2.21
CA ILE A 84 1.73 8.07 0.82
C ILE A 84 1.57 6.69 0.15
N LEU A 85 2.51 5.78 0.43
CA LEU A 85 2.42 4.43 -0.18
C LEU A 85 1.28 3.61 0.41
N LEU A 86 1.03 3.75 1.74
CA LEU A 86 -0.09 3.03 2.37
C LEU A 86 -1.40 3.52 1.73
N ASP A 87 -1.53 4.83 1.53
CA ASP A 87 -2.74 5.37 0.89
C ASP A 87 -2.87 4.81 -0.52
N PHE A 88 -1.75 4.71 -1.27
CA PHE A 88 -1.78 4.15 -2.62
C PHE A 88 -2.25 2.68 -2.56
N MET A 89 -1.72 1.89 -1.60
CA MET A 89 -2.15 0.50 -1.50
C MET A 89 -3.68 0.38 -1.42
N TYR A 90 -4.30 1.26 -0.60
CA TYR A 90 -5.74 1.18 -0.37
C TYR A 90 -6.60 1.96 -1.36
N THR A 91 -5.97 2.71 -2.31
CA THR A 91 -6.82 3.52 -3.20
C THR A 91 -6.42 3.52 -4.67
N SER A 92 -5.22 3.00 -5.02
N SER A 92 -5.19 3.06 -4.99
CA SER A 92 -4.63 3.04 -6.39
CA SER A 92 -4.54 3.05 -6.32
C SER A 92 -4.14 4.46 -6.75
C SER A 92 -4.02 4.45 -6.72
N ARG A 93 -4.25 5.43 -5.82
N ARG A 93 -4.27 5.47 -5.89
CA ARG A 93 -3.88 6.83 -6.05
CA ARG A 93 -3.85 6.84 -6.18
C ARG A 93 -2.56 7.12 -5.36
C ARG A 93 -2.61 7.19 -5.39
N LEU A 94 -1.59 7.68 -6.12
CA LEU A 94 -0.28 8.00 -5.55
C LEU A 94 -0.07 9.50 -5.55
N ASN A 95 0.10 10.10 -4.36
CA ASN A 95 0.28 11.55 -4.23
C ASN A 95 1.76 11.89 -4.42
N LEU A 96 2.22 11.83 -5.67
CA LEU A 96 3.62 12.08 -6.03
C LEU A 96 3.82 13.57 -6.32
N ARG A 97 4.75 14.19 -5.58
CA ARG A 97 5.06 15.63 -5.67
C ARG A 97 6.58 15.82 -5.69
N GLU A 98 7.08 16.96 -6.23
N GLU A 98 7.06 16.97 -6.23
CA GLU A 98 8.51 17.23 -6.28
CA GLU A 98 8.50 17.27 -6.28
C GLU A 98 9.17 17.07 -4.90
C GLU A 98 9.15 17.08 -4.91
N GLY A 99 8.48 17.54 -3.86
CA GLY A 99 8.97 17.51 -2.49
C GLY A 99 8.96 16.16 -1.79
N ASN A 100 8.28 15.16 -2.38
CA ASN A 100 8.23 13.85 -1.71
C ASN A 100 8.73 12.70 -2.59
N ILE A 101 9.00 12.96 -3.89
CA ILE A 101 9.33 11.86 -4.80
C ILE A 101 10.54 11.03 -4.38
N MET A 102 11.63 11.68 -3.93
CA MET A 102 12.80 10.90 -3.52
C MET A 102 12.45 9.94 -2.38
N ALA A 103 11.71 10.43 -1.35
CA ALA A 103 11.31 9.59 -0.20
C ALA A 103 10.35 8.49 -0.66
N VAL A 104 9.37 8.84 -1.52
CA VAL A 104 8.42 7.83 -2.00
C VAL A 104 9.17 6.74 -2.77
N MET A 105 10.11 7.11 -3.66
CA MET A 105 10.83 6.11 -4.42
C MET A 105 11.65 5.20 -3.50
N ALA A 106 12.39 5.80 -2.55
CA ALA A 106 13.21 5.00 -1.62
C ALA A 106 12.32 4.04 -0.81
N THR A 107 11.14 4.51 -0.39
CA THR A 107 10.24 3.69 0.41
C THR A 107 9.67 2.55 -0.46
N ALA A 108 9.30 2.86 -1.71
CA ALA A 108 8.75 1.85 -2.62
C ALA A 108 9.81 0.78 -2.95
N MET A 109 11.09 1.19 -3.07
CA MET A 109 12.16 0.21 -3.33
C MET A 109 12.27 -0.75 -2.13
N TYR A 110 12.23 -0.20 -0.92
CA TYR A 110 12.30 -0.99 0.32
C TYR A 110 11.10 -1.93 0.45
N LEU A 111 9.93 -1.40 0.16
CA LEU A 111 8.67 -2.15 0.21
C LEU A 111 8.47 -3.14 -0.93
N GLN A 112 9.30 -3.03 -1.97
CA GLN A 112 9.23 -3.87 -3.17
C GLN A 112 7.90 -3.70 -3.90
N MET A 113 7.65 -2.45 -4.31
CA MET A 113 6.48 -2.07 -5.07
C MET A 113 7.04 -1.54 -6.39
N GLU A 114 7.23 -2.46 -7.34
CA GLU A 114 7.89 -2.16 -8.61
C GLU A 114 7.26 -1.14 -9.53
N HIS A 115 5.94 -1.17 -9.65
CA HIS A 115 5.24 -0.19 -10.50
C HIS A 115 5.43 1.22 -9.98
N VAL A 116 5.41 1.39 -8.65
CA VAL A 116 5.63 2.71 -8.05
C VAL A 116 7.08 3.15 -8.33
N VAL A 117 8.05 2.23 -8.11
CA VAL A 117 9.46 2.55 -8.36
C VAL A 117 9.64 3.01 -9.82
N ASP A 118 8.96 2.32 -10.77
N ASP A 118 9.16 2.21 -10.80
CA ASP A 118 8.95 2.62 -12.21
CA ASP A 118 9.30 2.51 -12.23
C ASP A 118 8.50 4.05 -12.49
C ASP A 118 8.72 3.87 -12.63
N THR A 119 7.28 4.44 -12.04
N THR A 119 7.59 4.26 -12.00
CA THR A 119 6.75 5.81 -12.28
CA THR A 119 6.94 5.54 -12.30
C THR A 119 7.63 6.87 -11.60
C THR A 119 7.76 6.70 -11.70
N CYS A 120 8.24 6.54 -10.43
CA CYS A 120 9.10 7.52 -9.77
C CYS A 120 10.33 7.78 -10.63
N ARG A 121 10.96 6.70 -11.14
CA ARG A 121 12.14 6.81 -12.01
C ARG A 121 11.83 7.66 -13.25
N LYS A 122 10.67 7.40 -13.89
CA LYS A 122 10.22 8.13 -15.09
C LYS A 122 10.02 9.63 -14.79
N PHE A 123 9.36 9.97 -13.66
CA PHE A 123 9.15 11.37 -13.28
C PHE A 123 10.47 12.07 -12.98
N ILE A 124 11.41 11.36 -12.31
CA ILE A 124 12.73 11.95 -12.03
C ILE A 124 13.51 12.20 -13.32
N LYS A 125 13.53 11.20 -14.24
CA LYS A 125 14.25 11.29 -15.52
C LYS A 125 13.73 12.46 -16.36
N ALA A 126 12.40 12.73 -16.31
CA ALA A 126 11.78 13.84 -17.04
C ALA A 126 12.25 15.21 -16.53
N SER A 127 12.59 15.34 -15.23
CA SER A 127 13.06 16.61 -14.64
C SER A 127 14.57 16.84 -14.78
N GLU A 128 15.31 15.88 -15.41
CA GLU A 128 16.75 15.97 -15.62
C GLU A 128 17.07 16.61 -16.97
CA ALA B 1 -21.64 -2.93 -15.47
C ALA B 1 -21.00 -4.33 -15.66
N TRP B 2 -21.74 -5.25 -16.28
N TRP B 2 -21.77 -5.28 -16.22
CA TRP B 2 -21.33 -6.62 -16.52
CA TRP B 2 -21.24 -6.61 -16.49
C TRP B 2 -20.85 -6.77 -17.96
C TRP B 2 -20.72 -6.65 -17.91
N VAL B 3 -19.78 -7.55 -18.18
CA VAL B 3 -19.20 -7.75 -19.50
C VAL B 3 -18.74 -9.19 -19.71
N ILE B 4 -18.43 -9.53 -20.95
CA ILE B 4 -17.86 -10.83 -21.26
C ILE B 4 -16.36 -10.57 -21.16
N PRO B 5 -15.68 -11.18 -20.18
CA PRO B 5 -14.26 -10.91 -19.99
C PRO B 5 -13.36 -11.48 -21.08
N ALA B 6 -12.29 -10.76 -21.40
C2 VHK C . 5.21 -8.53 -4.56
N3 VHK C . 1.63 -13.90 -4.69
C7 VHK C . 3.55 -5.17 -6.44
C8 VHK C . 4.97 -5.40 -6.49
C10 VHK C . -0.84 -4.92 -6.21
C9 VHK C . 0.63 -4.83 -6.42
C4 VHK C . 3.26 -7.23 -5.13
C14 VHK C . 0.97 -13.44 -3.66
C5 VHK C . 2.47 -8.14 -4.45
C6 VHK C . 2.72 -6.06 -5.82
N1 VHK C . 1.33 -5.93 -5.78
C12 VHK C . 2.71 -11.78 -4.81
CL VHK C . -0.13 -14.52 -2.91
C13 VHK C . 2.49 -13.07 -5.26
C15 VHK C . 1.09 -12.16 -3.13
C16 VHK C . 0.32 -11.70 -2.02
N4 VHK C . -0.32 -11.37 -1.13
C11 VHK C . 1.98 -11.34 -3.72
N2 VHK C . 2.15 -10.09 -3.22
C VHK C . 3.03 -9.24 -3.84
O VHK C . 5.76 -4.67 -7.08
N VHK C . 5.44 -6.51 -5.86
C3 VHK C . 4.65 -7.42 -5.18
C1 VHK C . 4.41 -9.43 -3.89
C1 EDO D . 3.56 20.73 -6.74
O1 EDO D . 4.08 21.49 -7.83
C2 EDO D . 4.54 19.59 -6.35
O2 EDO D . 4.87 18.71 -7.42
C1 EDO E . 16.79 -0.55 2.42
O1 EDO E . 16.84 -1.94 2.71
C2 EDO E . 16.74 0.26 3.74
O2 EDO E . 16.29 1.58 3.48
C1 EDO F . 12.63 16.31 -8.69
O1 EDO F . 12.68 15.37 -9.76
C2 EDO F . 13.40 15.75 -7.48
O2 EDO F . 13.32 16.69 -6.42
C1 EDO G . 3.89 -0.25 19.78
O1 EDO G . 5.01 0.43 19.24
C2 EDO G . 2.63 0.12 18.96
O2 EDO G . 1.51 -0.58 19.48
C1 EDO H . -18.72 0.41 -3.04
C1 EDO H . -18.63 0.53 -2.64
O1 EDO H . -17.39 0.20 -2.59
O1 EDO H . -19.52 1.58 -2.31
C2 EDO H . -19.49 -0.92 -2.98
C2 EDO H . -19.42 -0.77 -2.93
O2 EDO H . -19.98 -1.19 -1.68
O2 EDO H . -20.04 -1.22 -1.73
CL CL I . 3.18 -1.22 -7.07
C1 EDO J . -22.99 -9.80 -21.05
O1 EDO J . -23.62 -8.60 -21.49
C2 EDO J . -22.28 -9.55 -19.73
O2 EDO J . -23.23 -9.11 -18.78
#